data_6AX4
#
_entry.id   6AX4
#
_cell.length_a   35.449
_cell.length_b   51.294
_cell.length_c   58.034
_cell.angle_alpha   90.000
_cell.angle_beta   100.840
_cell.angle_gamma   90.000
#
_symmetry.space_group_name_H-M   'P 1 21 1'
#
loop_
_entity.id
_entity.type
_entity.pdbx_description
1 polymer 'Serine/threonine-protein kinase PLK1'
2 polymer 'histidine N(tau)-cyclized Macrocycle 5b'
3 non-polymer AMYLAMINE
4 water water
#
loop_
_entity_poly.entity_id
_entity_poly.type
_entity_poly.pdbx_seq_one_letter_code
_entity_poly.pdbx_strand_id
1 'polypeptide(L)'
;GAHMDCHLSDMLQQLHSVNASKPSERGLVRQEEAEDPACIPIFWVSKWVDYSDKYGLGYQLCDNSVGVLFNDSTRLILYN
DGDSLQYIERDGTESYLTVSSHPNSLMKKITLLKYFRNYMSEHLLKAGANITPREGDELARLPYLRTWFRTRSAIILHLS
NGSVQINFFQDHTKLILCPLMAAVTYIDEKRDFRTYRLSLLEEYGCCKELASRLRYARTMVDKLLSSRSASNRLKAS
;
A
2 'polypeptide(L)' (N7P)L(56A)S(TPO) C
#
# COMPACT_ATOMS: atom_id res chain seq x y z
N HIS A 7 -3.16 -13.92 -0.19
CA HIS A 7 -3.13 -14.02 -1.65
C HIS A 7 -1.78 -13.65 -2.25
N LEU A 8 -0.71 -13.67 -1.44
CA LEU A 8 0.61 -13.38 -1.98
C LEU A 8 1.02 -14.42 -3.01
N SER A 9 0.68 -15.69 -2.77
CA SER A 9 1.00 -16.73 -3.75
C SER A 9 0.33 -16.44 -5.09
N ASP A 10 -0.92 -15.98 -5.05
CA ASP A 10 -1.61 -15.61 -6.28
C ASP A 10 -0.88 -14.46 -6.95
N MET A 11 -0.47 -13.45 -6.18
CA MET A 11 0.27 -12.33 -6.75
C MET A 11 1.56 -12.79 -7.41
N LEU A 12 2.29 -13.69 -6.76
CA LEU A 12 3.51 -14.22 -7.33
C LEU A 12 3.23 -14.89 -8.68
N GLN A 13 2.16 -15.70 -8.76
CA GLN A 13 1.79 -16.35 -10.01
C GLN A 13 1.46 -15.31 -11.06
N GLN A 14 0.70 -14.29 -10.70
CA GLN A 14 0.34 -13.28 -11.68
C GLN A 14 1.57 -12.55 -12.20
N LEU A 15 2.52 -12.25 -11.30
CA LEU A 15 3.76 -11.61 -11.75
C LEU A 15 4.63 -12.55 -12.60
N HIS A 16 4.73 -13.83 -12.25
CA HIS A 16 5.47 -14.77 -13.09
C HIS A 16 4.91 -14.72 -14.49
N SER A 17 3.59 -14.74 -14.58
CA SER A 17 2.91 -14.78 -15.86
C SER A 17 3.17 -13.52 -16.68
N VAL A 18 3.04 -12.35 -16.07
CA VAL A 18 3.27 -11.14 -16.85
C VAL A 18 4.73 -11.03 -17.26
N ASN A 19 5.65 -11.33 -16.34
CA ASN A 19 7.05 -11.19 -16.67
C ASN A 19 7.47 -12.20 -17.74
N ALA A 20 6.89 -13.41 -17.71
CA ALA A 20 7.26 -14.43 -18.70
C ALA A 20 6.81 -14.03 -20.10
N SER A 21 5.83 -13.14 -20.19
CA SER A 21 5.32 -12.69 -21.48
C SER A 21 6.21 -11.63 -22.12
N LYS A 22 7.27 -11.22 -21.42
CA LYS A 22 8.25 -10.28 -21.94
C LYS A 22 7.58 -9.06 -22.57
N PRO A 23 6.78 -8.34 -21.80
CA PRO A 23 5.88 -7.33 -22.38
C PRO A 23 6.57 -6.18 -23.10
N SER A 24 7.83 -5.85 -22.74
CA SER A 24 8.53 -4.75 -23.39
C SER A 24 9.47 -5.21 -24.52
N GLU A 25 9.55 -6.52 -24.78
CA GLU A 25 10.62 -7.08 -25.61
C GLU A 25 10.10 -7.76 -26.89
N ARG A 26 8.87 -7.49 -27.27
CA ARG A 26 8.31 -8.16 -28.44
C ARG A 26 7.96 -7.11 -29.49
N GLY A 27 6.75 -7.13 -30.03
CA GLY A 27 6.43 -6.19 -31.09
C GLY A 27 5.85 -4.89 -30.60
N LEU A 28 4.86 -4.38 -31.34
CA LEU A 28 4.27 -3.08 -31.04
C LEU A 28 3.64 -3.08 -29.66
N VAL A 29 4.07 -2.13 -28.83
CA VAL A 29 3.52 -1.98 -27.49
C VAL A 29 2.24 -1.15 -27.58
N ARG A 30 1.16 -1.67 -27.01
CA ARG A 30 -0.16 -1.02 -27.00
C ARG A 30 -0.63 -0.89 -25.56
N GLN A 31 0.20 -0.24 -24.73
CA GLN A 31 0.00 -0.22 -23.28
C GLN A 31 -1.36 0.37 -22.92
N GLU A 32 -1.82 1.35 -23.68
CA GLU A 32 -3.09 1.99 -23.38
C GLU A 32 -4.26 1.01 -23.42
N GLU A 33 -4.18 -0.02 -24.25
CA GLU A 33 -5.22 -1.04 -24.33
C GLU A 33 -5.24 -1.97 -23.12
N ALA A 34 -4.20 -1.91 -22.28
CA ALA A 34 -4.17 -2.71 -21.06
C ALA A 34 -4.76 -1.98 -19.86
N GLU A 35 -5.09 -0.70 -20.00
CA GLU A 35 -5.71 0.02 -18.90
C GLU A 35 -7.09 -0.54 -18.62
N ASP A 36 -7.43 -0.68 -17.34
CA ASP A 36 -8.75 -1.15 -16.94
C ASP A 36 -9.23 -0.30 -15.77
N PRO A 37 -10.00 0.75 -16.04
CA PRO A 37 -10.49 1.62 -14.96
C PRO A 37 -11.39 0.91 -13.94
N ALA A 38 -12.01 -0.19 -14.30
CA ALA A 38 -12.81 -0.92 -13.31
C ALA A 38 -11.94 -1.58 -12.26
N CYS A 39 -10.63 -1.61 -12.45
CA CYS A 39 -9.73 -2.23 -11.50
C CYS A 39 -9.02 -1.23 -10.58
N ILE A 40 -9.40 0.05 -10.64
CA ILE A 40 -8.76 1.07 -9.81
C ILE A 40 -8.85 0.63 -8.35
N PRO A 41 -7.76 0.69 -7.59
CA PRO A 41 -7.80 0.23 -6.19
C PRO A 41 -8.72 1.09 -5.34
N ILE A 42 -9.26 0.46 -4.29
CA ILE A 42 -10.05 1.15 -3.27
C ILE A 42 -9.13 1.87 -2.28
N PHE A 43 -8.00 1.25 -1.95
CA PHE A 43 -7.09 1.77 -0.93
C PHE A 43 -5.65 1.71 -1.41
N TRP A 44 -4.88 2.72 -1.04
CA TRP A 44 -3.44 2.68 -1.17
C TRP A 44 -2.87 3.56 -0.08
N VAL A 45 -1.56 3.47 0.14
CA VAL A 45 -0.88 4.28 1.13
C VAL A 45 -0.52 5.62 0.51
N SER A 46 -1.08 6.69 1.06
CA SER A 46 -0.83 8.02 0.53
CA SER A 46 -0.84 8.02 0.52
C SER A 46 0.34 8.73 1.19
N LYS A 47 0.67 8.37 2.44
CA LYS A 47 1.75 8.99 3.19
C LYS A 47 2.27 7.97 4.18
N TRP A 48 3.55 8.08 4.54
CA TRP A 48 4.12 7.20 5.56
C TRP A 48 5.28 7.89 6.26
N VAL A 49 5.50 7.46 7.52
CA VAL A 49 6.55 7.94 8.40
C VAL A 49 7.20 6.74 9.07
N ASP A 50 8.49 6.51 8.80
CA ASP A 50 9.25 5.42 9.41
C ASP A 50 9.91 5.96 10.68
N TYR A 51 9.26 5.74 11.83
CA TYR A 51 9.85 6.02 13.12
C TYR A 51 10.13 4.71 13.83
N SER A 52 10.58 3.70 13.06
CA SER A 52 10.73 2.36 13.62
C SER A 52 11.92 2.24 14.57
N ASP A 53 12.84 3.21 14.59
CA ASP A 53 13.89 3.02 15.56
C ASP A 53 13.41 3.24 16.97
N LYS A 54 12.14 3.63 17.15
CA LYS A 54 11.61 3.86 18.48
C LYS A 54 10.19 3.36 18.66
N TYR A 55 9.31 3.67 17.72
CA TYR A 55 7.89 3.44 17.92
C TYR A 55 7.25 2.55 16.86
N GLY A 56 7.50 2.78 15.58
CA GLY A 56 6.84 2.03 14.53
C GLY A 56 6.72 2.84 13.25
N LEU A 57 5.89 2.30 12.36
CA LEU A 57 5.65 2.85 11.02
C LEU A 57 4.23 3.40 10.99
N GLY A 58 4.10 4.70 10.82
CA GLY A 58 2.82 5.34 10.67
C GLY A 58 2.51 5.61 9.21
N TYR A 59 1.23 5.58 8.87
CA TYR A 59 0.85 5.74 7.47
C TYR A 59 -0.55 6.32 7.38
N GLN A 60 -0.82 6.93 6.25
CA GLN A 60 -2.15 7.41 5.90
C GLN A 60 -2.62 6.64 4.67
N LEU A 61 -3.88 6.24 4.67
CA LEU A 61 -4.46 5.68 3.47
C LEU A 61 -5.15 6.79 2.69
N CYS A 62 -5.45 6.49 1.42
CA CYS A 62 -5.98 7.51 0.51
C CYS A 62 -7.33 8.06 0.96
N ASP A 63 -8.03 7.39 1.86
CA ASP A 63 -9.30 7.90 2.37
C ASP A 63 -9.14 8.81 3.58
N ASN A 64 -7.89 9.16 3.92
CA ASN A 64 -7.52 10.02 5.04
C ASN A 64 -7.60 9.31 6.39
N SER A 65 -7.86 8.01 6.41
CA SER A 65 -7.64 7.24 7.63
C SER A 65 -6.14 7.09 7.86
N VAL A 66 -5.76 6.79 9.10
N VAL A 66 -5.79 6.72 9.10
CA VAL A 66 -4.37 6.57 9.43
CA VAL A 66 -4.41 6.61 9.54
C VAL A 66 -4.22 5.28 10.22
C VAL A 66 -4.22 5.27 10.25
N GLY A 67 -2.99 4.79 10.26
CA GLY A 67 -2.66 3.60 11.01
C GLY A 67 -1.22 3.66 11.48
N VAL A 68 -0.94 2.83 12.47
CA VAL A 68 0.42 2.63 12.95
C VAL A 68 0.63 1.13 13.16
N LEU A 69 1.74 0.63 12.65
CA LEU A 69 2.24 -0.70 13.01
C LEU A 69 3.37 -0.46 14.01
N PHE A 70 3.09 -0.71 15.29
CA PHE A 70 4.06 -0.48 16.34
C PHE A 70 5.15 -1.55 16.34
N ASN A 71 6.26 -1.21 16.96
CA ASN A 71 7.40 -2.12 17.03
C ASN A 71 7.10 -3.40 17.81
N ASP A 72 6.07 -3.41 18.66
CA ASP A 72 5.66 -4.62 19.36
C ASP A 72 4.65 -5.46 18.58
N SER A 73 4.43 -5.13 17.30
CA SER A 73 3.56 -5.89 16.41
C SER A 73 2.08 -5.73 16.72
N THR A 74 1.71 -4.70 17.48
CA THR A 74 0.32 -4.30 17.57
C THR A 74 0.07 -3.17 16.59
N ARG A 75 -1.22 -2.94 16.32
CA ARG A 75 -1.63 -1.98 15.31
C ARG A 75 -2.79 -1.14 15.84
N LEU A 76 -2.77 0.13 15.51
CA LEU A 76 -3.88 1.04 15.78
C LEU A 76 -4.31 1.68 14.47
N ILE A 77 -5.61 1.67 14.21
CA ILE A 77 -6.19 2.23 12.99
C ILE A 77 -7.20 3.30 13.40
N LEU A 78 -7.02 4.51 12.89
CA LEU A 78 -7.98 5.59 13.09
C LEU A 78 -8.77 5.81 11.81
N TYR A 79 -10.08 5.60 11.88
CA TYR A 79 -10.92 5.79 10.71
C TYR A 79 -10.97 7.28 10.35
N ASN A 80 -11.41 7.56 9.12
CA ASN A 80 -11.36 8.95 8.65
C ASN A 80 -12.38 9.87 9.32
N ASP A 81 -13.26 9.35 10.19
CA ASP A 81 -14.10 10.24 11.00
C ASP A 81 -13.29 10.95 12.09
N GLY A 82 -12.02 10.58 12.27
CA GLY A 82 -11.17 11.27 13.24
C GLY A 82 -11.31 10.80 14.67
N ASP A 83 -12.16 9.83 14.96
CA ASP A 83 -12.35 9.41 16.35
C ASP A 83 -12.42 7.90 16.51
N SER A 84 -13.05 7.20 15.56
CA SER A 84 -13.24 5.77 15.72
C SER A 84 -11.93 5.02 15.53
N LEU A 85 -11.64 4.10 16.44
CA LEU A 85 -10.36 3.39 16.46
C LEU A 85 -10.57 1.89 16.46
N GLN A 86 -9.69 1.18 15.76
CA GLN A 86 -9.52 -0.26 15.86
C GLN A 86 -8.13 -0.54 16.38
N TYR A 87 -8.04 -1.37 17.41
CA TYR A 87 -6.76 -1.86 17.94
C TYR A 87 -6.66 -3.36 17.70
N ILE A 88 -5.50 -3.79 17.23
CA ILE A 88 -5.23 -5.20 16.97
C ILE A 88 -4.04 -5.62 17.83
N GLU A 89 -4.30 -6.49 18.80
CA GLU A 89 -3.26 -6.99 19.71
C GLU A 89 -2.33 -7.95 18.96
N ARG A 90 -1.22 -8.29 19.63
CA ARG A 90 -0.24 -9.22 19.06
C ARG A 90 -0.91 -10.52 18.64
N ASP A 91 -1.79 -11.07 19.49
CA ASP A 91 -2.44 -12.34 19.19
C ASP A 91 -3.56 -12.22 18.17
N GLY A 92 -3.78 -11.03 17.59
CA GLY A 92 -4.77 -10.84 16.56
C GLY A 92 -6.12 -10.34 17.02
N THR A 93 -6.35 -10.23 18.33
CA THR A 93 -7.64 -9.78 18.80
C THR A 93 -7.89 -8.34 18.40
N GLU A 94 -9.05 -8.11 17.81
CA GLU A 94 -9.45 -6.80 17.35
C GLU A 94 -10.43 -6.23 18.36
N SER A 95 -10.24 -4.96 18.70
CA SER A 95 -11.16 -4.26 19.58
CA SER A 95 -11.15 -4.25 19.58
C SER A 95 -11.43 -2.87 19.00
N TYR A 96 -12.61 -2.35 19.30
CA TYR A 96 -13.07 -1.07 18.80
C TYR A 96 -13.28 -0.12 19.97
N LEU A 97 -12.95 1.13 19.74
CA LEU A 97 -12.91 2.16 20.78
C LEU A 97 -12.89 3.49 20.06
N THR A 98 -12.71 4.58 20.80
CA THR A 98 -12.52 5.89 20.19
C THR A 98 -11.35 6.59 20.85
N VAL A 99 -10.88 7.64 20.18
CA VAL A 99 -9.88 8.51 20.78
C VAL A 99 -10.39 9.08 22.11
N SER A 100 -11.69 9.36 22.18
CA SER A 100 -12.27 9.98 23.37
C SER A 100 -12.54 8.96 24.48
N SER A 101 -12.80 7.70 24.12
CA SER A 101 -13.17 6.66 25.08
CA SER A 101 -13.17 6.66 25.09
C SER A 101 -12.33 5.41 24.82
N HIS A 102 -11.34 5.19 25.66
CA HIS A 102 -10.42 4.08 25.47
C HIS A 102 -9.94 3.61 26.82
N PRO A 103 -9.47 2.36 26.93
CA PRO A 103 -8.85 1.91 28.15
C PRO A 103 -7.60 2.73 28.41
N ASN A 104 -7.32 2.96 29.68
CA ASN A 104 -6.13 3.74 30.03
C ASN A 104 -4.87 3.09 29.49
N SER A 105 -4.87 1.76 29.35
CA SER A 105 -3.68 1.07 28.86
C SER A 105 -3.27 1.49 27.45
N LEU A 106 -4.17 2.10 26.68
CA LEU A 106 -3.88 2.51 25.31
C LEU A 106 -3.50 3.98 25.21
N MET A 107 -3.35 4.68 26.34
CA MET A 107 -3.05 6.10 26.31
C MET A 107 -1.78 6.40 25.50
N LYS A 108 -0.69 5.69 25.77
CA LYS A 108 0.58 5.96 25.09
C LYS A 108 0.45 5.76 23.58
N LYS A 109 -0.15 4.65 23.16
CA LYS A 109 -0.26 4.35 21.74
C LYS A 109 -1.18 5.33 21.01
N ILE A 110 -2.25 5.77 21.66
CA ILE A 110 -3.13 6.76 21.04
C ILE A 110 -2.40 8.09 20.90
N THR A 111 -1.65 8.51 21.92
CA THR A 111 -0.84 9.71 21.82
C THR A 111 0.10 9.63 20.61
N LEU A 112 0.80 8.50 20.47
CA LEU A 112 1.69 8.31 19.33
C LEU A 112 0.94 8.43 18.02
N LEU A 113 -0.21 7.76 17.90
CA LEU A 113 -0.98 7.86 16.68
C LEU A 113 -1.35 9.32 16.37
N LYS A 114 -1.72 10.08 17.39
CA LYS A 114 -2.08 11.49 17.16
C LYS A 114 -0.89 12.26 16.61
N TYR A 115 0.32 11.99 17.13
CA TYR A 115 1.48 12.69 16.61
C TYR A 115 1.74 12.33 15.15
N PHE A 116 1.65 11.04 14.81
CA PHE A 116 1.85 10.61 13.44
C PHE A 116 0.81 11.26 12.55
N ARG A 117 -0.45 11.22 12.97
CA ARG A 117 -1.54 11.77 12.17
C ARG A 117 -1.33 13.25 11.92
N ASN A 118 -0.95 13.98 12.96
CA ASN A 118 -0.78 15.42 12.80
C ASN A 118 0.40 15.73 11.88
N TYR A 119 1.51 15.00 12.02
CA TYR A 119 2.65 15.23 11.14
C TYR A 119 2.28 14.97 9.68
N MET A 120 1.60 13.87 9.42
CA MET A 120 1.28 13.55 8.04
C MET A 120 0.35 14.58 7.45
N SER A 121 -0.63 15.04 8.25
CA SER A 121 -1.58 16.04 7.77
C SER A 121 -0.89 17.36 7.45
N GLU A 122 0.10 17.74 8.24
CA GLU A 122 0.75 19.02 8.07
C GLU A 122 1.88 19.02 7.03
N HIS A 123 2.56 17.89 6.79
CA HIS A 123 3.85 17.96 6.10
C HIS A 123 4.06 17.10 4.87
N LEU A 124 3.22 16.16 4.56
CA LEU A 124 3.58 15.27 3.48
C LEU A 124 2.56 15.38 2.36
N LEU A 125 3.02 15.10 1.14
CA LEU A 125 2.17 15.13 -0.05
C LEU A 125 1.34 13.85 -0.11
N LYS A 126 0.09 13.97 -0.50
CA LYS A 126 -0.80 12.81 -0.55
C LYS A 126 -0.60 12.09 -1.89
N ALA A 127 -0.08 10.87 -1.88
CA ALA A 127 0.08 10.12 -3.13
C ALA A 127 -1.28 9.77 -3.70
N GLY A 128 -1.42 9.87 -5.03
CA GLY A 128 -2.71 9.63 -5.67
C GLY A 128 -3.76 10.67 -5.34
N ALA A 129 -3.35 11.92 -5.11
CA ALA A 129 -4.22 12.94 -4.54
C ALA A 129 -5.36 13.34 -5.46
N ASN A 130 -5.22 13.12 -6.76
CA ASN A 130 -6.22 13.56 -7.70
C ASN A 130 -7.28 12.50 -7.96
N ILE A 131 -7.09 11.30 -7.44
CA ILE A 131 -7.92 10.15 -7.77
C ILE A 131 -8.99 10.00 -6.70
N THR A 132 -10.21 9.93 -7.12
CA THR A 132 -11.22 9.38 -6.24
C THR A 132 -11.08 7.86 -6.24
N PRO A 133 -10.95 7.22 -5.07
CA PRO A 133 -10.78 5.76 -5.07
C PRO A 133 -12.07 5.06 -5.45
N ARG A 134 -12.11 3.73 -5.35
CA ARG A 134 -13.15 2.93 -5.98
C ARG A 134 -14.34 2.80 -5.03
N ASP A 137 -18.48 3.56 1.81
CA ASP A 137 -18.81 3.43 3.22
C ASP A 137 -17.54 3.55 4.09
N GLU A 138 -17.35 4.72 4.70
CA GLU A 138 -16.07 5.08 5.31
C GLU A 138 -15.83 4.43 6.68
N LEU A 139 -16.79 3.67 7.20
CA LEU A 139 -16.58 2.86 8.39
C LEU A 139 -16.44 1.37 8.07
N ALA A 140 -16.69 0.97 6.82
CA ALA A 140 -16.41 -0.41 6.44
C ALA A 140 -14.97 -0.73 6.78
N ARG A 141 -14.71 -1.99 7.07
CA ARG A 141 -13.42 -2.37 7.62
C ARG A 141 -12.26 -1.96 6.72
N LEU A 142 -11.35 -1.21 7.28
CA LEU A 142 -10.21 -0.75 6.51
C LEU A 142 -9.17 -1.87 6.46
N PRO A 143 -8.37 -1.93 5.40
CA PRO A 143 -7.18 -2.77 5.48
C PRO A 143 -6.16 -2.11 6.37
N TYR A 144 -5.33 -2.94 6.97
CA TYR A 144 -4.24 -2.45 7.80
C TYR A 144 -2.92 -2.93 7.23
N LEU A 145 -1.84 -2.39 7.75
CA LEU A 145 -0.51 -2.74 7.29
C LEU A 145 -0.10 -4.06 7.92
N ARG A 146 -0.05 -5.11 7.12
CA ARG A 146 0.33 -6.43 7.62
C ARG A 146 1.83 -6.47 7.88
N THR A 147 2.61 -6.04 6.89
CA THR A 147 4.04 -5.92 7.10
C THR A 147 4.62 -4.95 6.09
N TRP A 148 5.87 -4.58 6.32
CA TRP A 148 6.57 -3.65 5.45
C TRP A 148 8.06 -3.90 5.62
N PHE A 149 8.82 -3.49 4.62
CA PHE A 149 10.27 -3.46 4.74
C PHE A 149 10.78 -2.44 3.75
N ARG A 150 12.04 -2.07 3.91
CA ARG A 150 12.69 -1.15 3.00
C ARG A 150 13.94 -1.80 2.41
N THR A 151 14.22 -1.43 1.17
CA THR A 151 15.49 -1.71 0.50
C THR A 151 16.17 -0.38 0.25
N ARG A 152 17.36 -0.41 -0.34
CA ARG A 152 18.00 0.84 -0.71
C ARG A 152 17.14 1.64 -1.68
N SER A 153 16.38 0.96 -2.53
CA SER A 153 15.68 1.63 -3.61
C SER A 153 14.20 1.86 -3.36
N ALA A 154 13.57 1.19 -2.39
CA ALA A 154 12.12 1.25 -2.27
C ALA A 154 11.66 0.92 -0.86
N ILE A 155 10.41 1.29 -0.59
CA ILE A 155 9.67 0.78 0.57
C ILE A 155 8.54 -0.10 0.06
N ILE A 156 8.36 -1.23 0.70
CA ILE A 156 7.39 -2.25 0.31
C ILE A 156 6.37 -2.37 1.43
N LEU A 157 5.08 -2.20 1.08
CA LEU A 157 4.00 -2.11 2.05
C LEU A 157 2.95 -3.15 1.68
N HIS A 158 2.71 -4.10 2.57
CA HIS A 158 1.78 -5.19 2.34
C HIS A 158 0.54 -4.96 3.21
N LEU A 159 -0.59 -4.72 2.56
CA LEU A 159 -1.86 -4.48 3.24
C LEU A 159 -2.64 -5.78 3.43
N SER A 160 -3.51 -5.77 4.46
CA SER A 160 -4.24 -6.97 4.85
C SER A 160 -5.30 -7.37 3.84
N ASN A 161 -5.62 -6.53 2.86
CA ASN A 161 -6.51 -6.89 1.79
C ASN A 161 -5.79 -7.56 0.63
N GLY A 162 -4.50 -7.83 0.80
CA GLY A 162 -3.69 -8.50 -0.18
C GLY A 162 -2.89 -7.57 -1.08
N SER A 163 -3.19 -6.28 -1.08
CA SER A 163 -2.48 -5.37 -1.95
C SER A 163 -1.04 -5.21 -1.48
N VAL A 164 -0.15 -5.01 -2.43
CA VAL A 164 1.25 -4.74 -2.16
C VAL A 164 1.61 -3.45 -2.89
N GLN A 165 2.11 -2.47 -2.16
CA GLN A 165 2.50 -1.19 -2.72
C GLN A 165 4.01 -1.08 -2.63
N ILE A 166 4.64 -0.62 -3.70
CA ILE A 166 6.08 -0.42 -3.74
C ILE A 166 6.32 1.01 -4.17
N ASN A 167 6.98 1.80 -3.31
CA ASN A 167 7.32 3.19 -3.64
C ASN A 167 8.82 3.27 -3.86
N PHE A 168 9.23 3.70 -5.05
CA PHE A 168 10.65 3.83 -5.37
C PHE A 168 11.12 5.22 -4.94
N PHE A 169 12.20 5.26 -4.16
CA PHE A 169 12.62 6.52 -3.54
C PHE A 169 13.18 7.52 -4.54
N GLN A 170 14.02 7.05 -5.47
CA GLN A 170 14.85 7.95 -6.26
C GLN A 170 14.02 8.73 -7.27
N ASP A 171 13.08 8.06 -7.95
CA ASP A 171 12.30 8.68 -9.01
C ASP A 171 10.83 8.89 -8.65
N HIS A 172 10.41 8.51 -7.46
CA HIS A 172 9.05 8.76 -6.95
C HIS A 172 7.98 7.98 -7.67
N THR A 173 8.34 6.98 -8.43
CA THR A 173 7.36 6.13 -9.08
C THR A 173 6.87 5.08 -8.10
N LYS A 174 5.67 4.58 -8.33
CA LYS A 174 5.01 3.69 -7.38
C LYS A 174 4.21 2.63 -8.12
N LEU A 175 4.14 1.46 -7.52
CA LEU A 175 3.25 0.39 -7.96
C LEU A 175 2.27 0.05 -6.84
N ILE A 176 1.01 -0.19 -7.20
CA ILE A 176 0.02 -0.75 -6.28
C ILE A 176 -0.50 -2.02 -6.96
N LEU A 177 -0.14 -3.17 -6.40
CA LEU A 177 -0.51 -4.47 -6.94
C LEU A 177 -1.69 -5.05 -6.17
N CYS A 178 -2.72 -5.50 -6.88
CA CYS A 178 -3.89 -6.10 -6.22
C CYS A 178 -4.11 -7.48 -6.79
N PRO A 179 -4.02 -8.53 -5.97
CA PRO A 179 -4.16 -9.89 -6.49
C PRO A 179 -5.59 -10.30 -6.67
N LEU A 180 -6.56 -9.56 -6.13
CA LEU A 180 -7.95 -9.91 -6.33
C LEU A 180 -8.44 -9.41 -7.68
N MET A 181 -8.02 -8.21 -8.07
CA MET A 181 -8.28 -7.70 -9.40
C MET A 181 -7.24 -8.18 -10.41
N ALA A 182 -6.13 -8.76 -9.94
CA ALA A 182 -5.01 -9.13 -10.80
C ALA A 182 -4.59 -7.93 -11.65
N ALA A 183 -4.35 -6.83 -10.97
CA ALA A 183 -4.12 -5.55 -11.59
C ALA A 183 -2.93 -4.87 -10.92
N VAL A 184 -2.39 -3.90 -11.63
CA VAL A 184 -1.33 -3.05 -11.11
C VAL A 184 -1.60 -1.61 -11.49
N THR A 185 -1.48 -0.71 -10.53
CA THR A 185 -1.53 0.71 -10.78
C THR A 185 -0.10 1.24 -10.77
N TYR A 186 0.26 1.99 -11.80
CA TYR A 186 1.57 2.59 -11.91
C TYR A 186 1.39 4.10 -11.80
N ILE A 187 2.11 4.72 -10.86
CA ILE A 187 2.17 6.16 -10.71
C ILE A 187 3.56 6.57 -11.19
N ASP A 188 3.62 7.31 -12.26
CA ASP A 188 4.88 7.63 -12.90
C ASP A 188 5.45 8.94 -12.35
N GLU A 189 6.55 9.42 -12.94
CA GLU A 189 7.24 10.60 -12.46
C GLU A 189 6.39 11.86 -12.59
N LYS A 190 5.45 11.89 -13.52
CA LYS A 190 4.57 13.03 -13.69
C LYS A 190 3.34 12.94 -12.79
N ARG A 191 3.27 11.91 -11.94
CA ARG A 191 2.12 11.64 -11.09
C ARG A 191 0.88 11.24 -11.86
N ASP A 192 1.05 10.76 -13.08
CA ASP A 192 -0.05 10.11 -13.80
CA ASP A 192 -0.05 10.11 -13.80
C ASP A 192 -0.29 8.75 -13.15
N PHE A 193 -1.56 8.46 -12.84
CA PHE A 193 -2.01 7.27 -12.10
C PHE A 193 -2.82 6.46 -13.09
N ARG A 194 -2.33 5.27 -13.45
CA ARG A 194 -3.00 4.42 -14.43
C ARG A 194 -3.03 2.98 -13.94
N THR A 195 -4.19 2.36 -14.07
CA THR A 195 -4.41 1.01 -13.60
C THR A 195 -4.54 0.08 -14.80
N TYR A 196 -3.79 -1.02 -14.75
CA TYR A 196 -3.70 -2.01 -15.82
C TYR A 196 -4.13 -3.36 -15.27
N ARG A 197 -4.83 -4.14 -16.10
CA ARG A 197 -5.02 -5.55 -15.78
C ARG A 197 -3.76 -6.31 -16.21
N LEU A 198 -3.18 -7.10 -15.30
CA LEU A 198 -1.91 -7.79 -15.59
C LEU A 198 -2.01 -8.67 -16.84
N SER A 199 -3.13 -9.36 -17.02
CA SER A 199 -3.26 -10.21 -18.19
C SER A 199 -3.36 -9.41 -19.47
N LEU A 200 -3.80 -8.15 -19.40
CA LEU A 200 -3.81 -7.30 -20.59
C LEU A 200 -2.42 -6.75 -20.89
N LEU A 201 -1.57 -6.60 -19.88
CA LEU A 201 -0.17 -6.27 -20.16
C LEU A 201 0.50 -7.41 -20.90
N GLU A 202 0.16 -8.66 -20.54
CA GLU A 202 0.61 -9.81 -21.32
C GLU A 202 0.10 -9.73 -22.75
N GLU A 203 -1.15 -9.33 -22.94
CA GLU A 203 -1.75 -9.31 -24.27
C GLU A 203 -1.20 -8.18 -25.15
N TYR A 204 -0.92 -7.02 -24.56
CA TYR A 204 -0.66 -5.81 -25.33
C TYR A 204 0.72 -5.22 -25.13
N GLY A 205 1.46 -5.67 -24.13
CA GLY A 205 2.79 -5.18 -23.88
C GLY A 205 2.81 -3.92 -23.04
N CYS A 206 4.01 -3.50 -22.69
CA CYS A 206 4.20 -2.25 -21.96
C CYS A 206 5.62 -1.75 -22.16
N CYS A 207 5.83 -0.50 -21.76
CA CYS A 207 7.14 0.13 -21.86
C CYS A 207 8.16 -0.55 -20.94
N LYS A 208 9.43 -0.34 -21.27
CA LYS A 208 10.49 -1.00 -20.52
C LYS A 208 10.52 -0.55 -19.07
N GLU A 209 10.08 0.69 -18.79
CA GLU A 209 10.10 1.21 -17.43
C GLU A 209 9.12 0.45 -16.54
N LEU A 210 7.89 0.26 -17.00
CA LEU A 210 6.95 -0.54 -16.23
C LEU A 210 7.39 -2.00 -16.18
N ALA A 211 7.88 -2.56 -17.28
CA ALA A 211 8.32 -3.95 -17.26
C ALA A 211 9.41 -4.18 -16.21
N SER A 212 10.36 -3.25 -16.12
CA SER A 212 11.46 -3.42 -15.17
CA SER A 212 11.45 -3.45 -15.16
C SER A 212 10.93 -3.38 -13.74
N ARG A 213 9.98 -2.48 -13.47
CA ARG A 213 9.42 -2.38 -12.13
C ARG A 213 8.61 -3.61 -11.76
N LEU A 214 7.97 -4.25 -12.74
CA LEU A 214 7.26 -5.49 -12.48
C LEU A 214 8.21 -6.67 -12.20
N ARG A 215 9.38 -6.68 -12.84
CA ARG A 215 10.40 -7.66 -12.48
C ARG A 215 10.88 -7.44 -11.04
N TYR A 216 11.11 -6.17 -10.66
CA TYR A 216 11.47 -5.88 -9.28
C TYR A 216 10.37 -6.31 -8.31
N ALA A 217 9.12 -6.01 -8.65
CA ALA A 217 7.99 -6.41 -7.81
C ALA A 217 7.97 -7.91 -7.53
N ARG A 218 8.24 -8.73 -8.54
CA ARG A 218 8.29 -10.16 -8.31
C ARG A 218 9.32 -10.53 -7.25
N THR A 219 10.51 -9.92 -7.33
CA THR A 219 11.52 -10.20 -6.31
C THR A 219 11.05 -9.74 -4.94
N MET A 220 10.27 -8.66 -4.86
CA MET A 220 9.78 -8.20 -3.57
C MET A 220 8.69 -9.11 -3.03
N VAL A 221 7.85 -9.66 -3.90
CA VAL A 221 6.82 -10.58 -3.44
C VAL A 221 7.45 -11.89 -2.96
N ASP A 222 8.49 -12.37 -3.64
CA ASP A 222 9.23 -13.52 -3.11
C ASP A 222 9.78 -13.22 -1.71
N LYS A 223 10.28 -12.00 -1.49
CA LYS A 223 10.78 -11.64 -0.17
C LYS A 223 9.67 -11.66 0.87
N LEU A 224 8.50 -11.11 0.53
CA LEU A 224 7.35 -11.19 1.44
C LEU A 224 6.97 -12.63 1.74
N LEU A 225 6.90 -13.46 0.69
CA LEU A 225 6.51 -14.85 0.89
C LEU A 225 7.52 -15.61 1.73
N SER A 226 8.81 -15.34 1.53
CA SER A 226 9.82 -16.10 2.23
C SER A 226 10.10 -15.57 3.63
N SER A 227 9.43 -14.49 4.04
CA SER A 227 9.63 -13.92 5.36
C SER A 227 8.34 -13.81 6.15
N ARG A 228 7.22 -14.36 5.68
CA ARG A 228 6.00 -14.20 6.45
C ARG A 228 6.12 -14.98 7.76
N SER A 229 5.59 -14.41 8.83
CA SER A 229 5.69 -15.01 10.16
C SER A 229 4.33 -15.07 10.83
N LEU B 2 13.23 8.74 5.71
CA LEU B 2 12.44 8.28 6.85
C LEU B 2 10.97 8.69 6.81
N SER B 4 7.69 9.75 3.59
CA SER B 4 7.32 9.85 2.20
C SER B 4 7.50 11.29 1.71
#